data_2H4Z
#
_entry.id   2H4Z
#
_cell.length_a   49.096
_cell.length_b   71.229
_cell.length_c   159.340
_cell.angle_alpha   90.00
_cell.angle_beta   90.00
_cell.angle_gamma   90.00
#
_symmetry.space_group_name_H-M   'P 21 21 21'
#
loop_
_entity.id
_entity.type
_entity.pdbx_description
1 polymer 'Bisphosphoglycerate mutase'
2 non-polymer '(2R)-2,3-diphosphoglyceric acid'
3 water water
#
_entity_poly.entity_id   1
_entity_poly.type   'polypeptide(L)'
_entity_poly.pdbx_seq_one_letter_code
;MSKYKLIMLRHGEGAWNKENRFCSWVDQKLNSEGMEEARNCGKQLKALNFEFDLVFTSVLNRSIHTAWLILEELGQEWVP
VESSWRLNERHYGALIGLNREQMALNHGEEQVRLWRRSYNVTPPPIEESHPYYQEIYNDRRYKVCDVPLDQLPRSESLKD
VLERLLPYWNERIAPEVLRGKTILISAHGNSSRALLKHLEGISDEDIINITLPTGVPILLELDENLRAVGPHQFLGDQEA
IQAAIKKVEDQGKVKQAKKLEHHHHHH
;
_entity_poly.pdbx_strand_id   A,B
#
# COMPACT_ATOMS: atom_id res chain seq x y z
N SER A 2 -3.55 -11.22 -29.86
CA SER A 2 -2.63 -11.64 -28.76
C SER A 2 -3.40 -12.22 -27.58
N LYS A 3 -2.65 -12.71 -26.59
CA LYS A 3 -3.23 -13.28 -25.39
C LYS A 3 -2.65 -12.51 -24.22
N TYR A 4 -3.39 -12.44 -23.12
CA TYR A 4 -2.94 -11.72 -21.94
C TYR A 4 -3.16 -12.55 -20.68
N LYS A 5 -2.20 -12.53 -19.78
CA LYS A 5 -2.34 -13.28 -18.53
C LYS A 5 -2.32 -12.32 -17.35
N LEU A 6 -3.16 -12.60 -16.36
CA LEU A 6 -3.21 -11.81 -15.15
C LEU A 6 -3.31 -12.78 -13.98
N ILE A 7 -3.12 -12.26 -12.78
CA ILE A 7 -3.20 -13.05 -11.57
C ILE A 7 -4.33 -12.53 -10.69
N MET A 8 -5.15 -13.46 -10.21
CA MET A 8 -6.27 -13.13 -9.34
C MET A 8 -6.11 -14.02 -8.12
N LEU A 9 -6.49 -13.53 -6.95
CA LEU A 9 -6.39 -14.36 -5.77
C LEU A 9 -7.28 -13.89 -4.66
N ARG A 10 -7.60 -14.82 -3.79
CA ARG A 10 -8.44 -14.59 -2.65
C ARG A 10 -7.51 -14.58 -1.45
N HIS A 11 -7.65 -13.58 -0.58
CA HIS A 11 -6.81 -13.45 0.60
C HIS A 11 -6.94 -14.68 1.48
N GLY A 12 -6.00 -14.83 2.40
CA GLY A 12 -6.01 -15.98 3.29
C GLY A 12 -6.92 -15.86 4.51
N GLU A 13 -6.71 -16.77 5.46
CA GLU A 13 -7.47 -16.85 6.69
C GLU A 13 -7.61 -15.60 7.55
N GLY A 14 -8.71 -15.60 8.30
CA GLY A 14 -9.03 -14.54 9.23
C GLY A 14 -9.61 -15.24 10.44
N ALA A 15 -9.71 -14.56 11.57
CA ALA A 15 -10.26 -15.16 12.78
C ALA A 15 -11.65 -15.77 12.56
N TRP A 16 -12.54 -15.02 11.91
CA TRP A 16 -13.90 -15.50 11.66
C TRP A 16 -14.03 -16.76 10.84
N ASN A 17 -13.18 -16.96 9.84
CA ASN A 17 -13.32 -18.18 9.05
C ASN A 17 -12.80 -19.41 9.76
N LYS A 18 -12.09 -19.20 10.86
CA LYS A 18 -11.59 -20.31 11.66
C LYS A 18 -12.81 -20.73 12.49
N GLU A 19 -13.73 -19.77 12.68
CA GLU A 19 -14.97 -20.00 13.43
C GLU A 19 -16.11 -20.31 12.46
N ASN A 20 -15.81 -20.31 11.17
CA ASN A 20 -16.80 -20.58 10.14
C ASN A 20 -17.96 -19.58 10.13
N ARG A 21 -17.62 -18.30 10.21
CA ARG A 21 -18.63 -17.24 10.20
C ARG A 21 -18.50 -16.36 8.96
N PHE A 22 -19.63 -15.99 8.37
CA PHE A 22 -19.63 -15.12 7.19
C PHE A 22 -19.01 -13.80 7.62
N CYS A 23 -18.00 -13.33 6.91
CA CYS A 23 -17.37 -12.06 7.27
C CYS A 23 -17.88 -10.95 6.36
N SER A 24 -17.77 -11.14 5.06
CA SER A 24 -18.26 -10.16 4.10
C SER A 24 -17.66 -8.76 4.30
N TRP A 25 -18.53 -7.75 4.40
CA TRP A 25 -18.08 -6.36 4.56
C TRP A 25 -17.50 -5.96 5.92
N VAL A 26 -17.51 -6.85 6.90
CA VAL A 26 -16.92 -6.50 8.19
C VAL A 26 -15.42 -6.46 7.91
N ASP A 27 -14.77 -5.35 8.25
CA ASP A 27 -13.35 -5.18 7.98
C ASP A 27 -12.36 -5.95 8.85
N GLN A 28 -12.51 -7.27 8.94
CA GLN A 28 -11.59 -8.07 9.75
C GLN A 28 -10.20 -8.19 9.12
N LYS A 29 -9.18 -8.16 9.98
CA LYS A 29 -7.81 -8.27 9.53
C LYS A 29 -7.45 -9.74 9.34
N LEU A 30 -6.36 -9.99 8.63
CA LEU A 30 -5.87 -11.34 8.41
C LEU A 30 -5.32 -11.79 9.75
N ASN A 31 -5.21 -13.10 9.95
CA ASN A 31 -4.60 -13.57 11.19
C ASN A 31 -3.21 -14.03 10.76
N SER A 32 -2.46 -14.64 11.68
CA SER A 32 -1.11 -15.09 11.35
C SER A 32 -1.09 -15.99 10.12
N GLU A 33 -1.97 -16.98 10.09
CA GLU A 33 -2.05 -17.91 8.98
C GLU A 33 -2.31 -17.19 7.66
N GLY A 34 -3.31 -16.31 7.65
CA GLY A 34 -3.64 -15.57 6.46
C GLY A 34 -2.45 -14.76 5.98
N MET A 35 -1.69 -14.20 6.92
CA MET A 35 -0.52 -13.41 6.58
C MET A 35 0.51 -14.29 5.88
N GLU A 36 0.73 -15.48 6.44
CA GLU A 36 1.68 -16.42 5.87
C GLU A 36 1.22 -16.87 4.48
N GLU A 37 -0.08 -17.12 4.32
CA GLU A 37 -0.58 -17.55 3.02
C GLU A 37 -0.28 -16.47 1.97
N ALA A 38 -0.37 -15.20 2.38
CA ALA A 38 -0.10 -14.11 1.46
C ALA A 38 1.38 -14.15 1.06
N ARG A 39 2.26 -14.34 2.05
CA ARG A 39 3.68 -14.40 1.76
C ARG A 39 4.01 -15.57 0.84
N ASN A 40 3.34 -16.69 1.03
CA ASN A 40 3.60 -17.86 0.18
C ASN A 40 3.20 -17.57 -1.25
N CYS A 41 2.10 -16.85 -1.43
CA CYS A 41 1.66 -16.49 -2.77
C CYS A 41 2.74 -15.63 -3.40
N GLY A 42 3.33 -14.75 -2.60
CA GLY A 42 4.38 -13.88 -3.10
C GLY A 42 5.59 -14.67 -3.56
N LYS A 43 5.97 -15.67 -2.77
CA LYS A 43 7.12 -16.50 -3.10
C LYS A 43 6.91 -17.26 -4.39
N GLN A 44 5.70 -17.79 -4.58
CA GLN A 44 5.40 -18.52 -5.81
C GLN A 44 5.51 -17.55 -6.99
N LEU A 45 4.92 -16.37 -6.83
CA LEU A 45 4.95 -15.38 -7.90
C LEU A 45 6.38 -14.94 -8.16
N LYS A 46 7.21 -14.90 -7.12
CA LYS A 46 8.59 -14.52 -7.31
C LYS A 46 9.31 -15.64 -8.09
N ALA A 47 8.99 -16.88 -7.77
CA ALA A 47 9.59 -18.03 -8.45
C ALA A 47 9.34 -17.95 -9.96
N LEU A 48 8.16 -17.47 -10.33
CA LEU A 48 7.80 -17.34 -11.73
C LEU A 48 8.32 -16.02 -12.31
N ASN A 49 9.05 -15.28 -11.49
CA ASN A 49 9.64 -14.00 -11.88
C ASN A 49 8.61 -12.98 -12.35
N PHE A 50 7.46 -12.95 -11.70
CA PHE A 50 6.44 -11.98 -12.08
C PHE A 50 6.93 -10.57 -11.79
N GLU A 51 6.56 -9.64 -12.66
CA GLU A 51 6.92 -8.25 -12.51
C GLU A 51 5.64 -7.46 -12.76
N PHE A 52 4.89 -7.23 -11.69
CA PHE A 52 3.61 -6.52 -11.80
C PHE A 52 3.75 -5.04 -12.14
N ASP A 53 2.75 -4.54 -12.84
CA ASP A 53 2.71 -3.15 -13.26
C ASP A 53 1.61 -2.40 -12.49
N LEU A 54 0.59 -3.14 -12.04
CA LEU A 54 -0.52 -2.54 -11.30
C LEU A 54 -1.20 -3.59 -10.43
N VAL A 55 -1.71 -3.15 -9.28
CA VAL A 55 -2.41 -4.02 -8.35
C VAL A 55 -3.78 -3.42 -7.99
N PHE A 56 -4.82 -4.24 -8.07
CA PHE A 56 -6.16 -3.78 -7.72
C PHE A 56 -6.67 -4.58 -6.54
N THR A 57 -7.27 -3.89 -5.57
CA THR A 57 -7.80 -4.53 -4.36
C THR A 57 -9.15 -3.94 -3.98
N SER A 58 -9.76 -4.49 -2.94
CA SER A 58 -11.03 -3.97 -2.46
C SER A 58 -10.64 -2.96 -1.38
N VAL A 59 -11.60 -2.40 -0.67
CA VAL A 59 -11.26 -1.45 0.39
C VAL A 59 -11.28 -2.15 1.75
N LEU A 60 -11.43 -3.47 1.72
CA LEU A 60 -11.41 -4.26 2.95
C LEU A 60 -9.92 -4.47 3.20
N ASN A 61 -9.44 -4.09 4.39
CA ASN A 61 -8.01 -4.16 4.67
C ASN A 61 -7.35 -5.52 4.52
N ARG A 62 -8.11 -6.61 4.60
CA ARG A 62 -7.50 -7.91 4.46
C ARG A 62 -7.03 -8.11 3.01
N SER A 63 -7.73 -7.46 2.08
CA SER A 63 -7.39 -7.53 0.66
C SER A 63 -6.14 -6.71 0.37
N ILE A 64 -6.06 -5.55 1.02
CA ILE A 64 -4.93 -4.65 0.85
C ILE A 64 -3.66 -5.21 1.50
N HIS A 65 -3.78 -5.71 2.72
CA HIS A 65 -2.63 -6.28 3.43
C HIS A 65 -2.07 -7.48 2.67
N THR A 66 -2.95 -8.25 2.03
CA THR A 66 -2.52 -9.41 1.25
C THR A 66 -1.64 -8.91 0.10
N ALA A 67 -2.10 -7.85 -0.58
CA ALA A 67 -1.34 -7.28 -1.69
C ALA A 67 0.00 -6.75 -1.22
N TRP A 68 0.00 -6.05 -0.09
CA TRP A 68 1.23 -5.49 0.46
C TRP A 68 2.25 -6.57 0.79
N LEU A 69 1.77 -7.69 1.34
CA LEU A 69 2.65 -8.79 1.70
C LEU A 69 3.25 -9.41 0.45
N ILE A 70 2.45 -9.54 -0.60
CA ILE A 70 2.93 -10.11 -1.84
C ILE A 70 3.99 -9.19 -2.47
N LEU A 71 3.70 -7.90 -2.54
CA LEU A 71 4.64 -6.95 -3.11
C LEU A 71 5.96 -6.95 -2.33
N GLU A 72 5.89 -7.10 -1.02
CA GLU A 72 7.11 -7.13 -0.22
C GLU A 72 7.95 -8.36 -0.58
N GLU A 73 7.29 -9.50 -0.72
CA GLU A 73 8.00 -10.74 -1.09
C GLU A 73 8.69 -10.56 -2.43
N LEU A 74 8.06 -9.78 -3.31
CA LEU A 74 8.58 -9.53 -4.64
C LEU A 74 9.56 -8.36 -4.72
N GLY A 75 9.65 -7.58 -3.66
CA GLY A 75 10.54 -6.42 -3.70
C GLY A 75 9.93 -5.40 -4.66
N GLN A 76 8.61 -5.44 -4.80
CA GLN A 76 7.90 -4.55 -5.70
C GLN A 76 6.91 -3.61 -4.99
N GLU A 77 7.28 -3.15 -3.80
CA GLU A 77 6.42 -2.26 -3.02
C GLU A 77 6.09 -0.95 -3.72
N TRP A 78 6.87 -0.60 -4.74
CA TRP A 78 6.64 0.65 -5.46
C TRP A 78 5.57 0.56 -6.54
N VAL A 79 5.12 -0.66 -6.85
CA VAL A 79 4.09 -0.85 -7.87
C VAL A 79 2.77 -0.21 -7.46
N PRO A 80 2.16 0.58 -8.34
CA PRO A 80 0.89 1.25 -8.03
C PRO A 80 -0.25 0.32 -7.57
N VAL A 81 -0.93 0.74 -6.51
CA VAL A 81 -2.05 -0.02 -5.98
C VAL A 81 -3.31 0.84 -6.03
N GLU A 82 -4.44 0.25 -6.43
CA GLU A 82 -5.71 0.97 -6.45
C GLU A 82 -6.71 0.07 -5.71
N SER A 83 -7.50 0.67 -4.82
CA SER A 83 -8.49 -0.06 -4.05
C SER A 83 -9.87 0.50 -4.31
N SER A 84 -10.85 -0.38 -4.47
CA SER A 84 -12.22 0.04 -4.74
C SER A 84 -13.23 -0.87 -4.06
N TRP A 85 -14.34 -0.29 -3.60
CA TRP A 85 -15.38 -1.07 -2.96
C TRP A 85 -16.00 -2.03 -3.97
N ARG A 86 -15.78 -1.76 -5.25
CA ARG A 86 -16.35 -2.62 -6.28
C ARG A 86 -15.71 -4.00 -6.35
N LEU A 87 -14.62 -4.19 -5.62
CA LEU A 87 -13.97 -5.49 -5.56
C LEU A 87 -14.26 -6.12 -4.21
N ASN A 88 -15.01 -5.41 -3.38
CA ASN A 88 -15.38 -5.92 -2.06
C ASN A 88 -16.04 -7.28 -2.16
N GLU A 89 -15.93 -8.06 -1.10
CA GLU A 89 -16.56 -9.37 -1.05
C GLU A 89 -18.06 -9.12 -1.13
N ARG A 90 -18.81 -10.12 -1.59
CA ARG A 90 -20.26 -9.97 -1.69
C ARG A 90 -20.83 -9.60 -0.33
N HIS A 91 -21.81 -8.69 -0.33
CA HIS A 91 -22.44 -8.26 0.91
C HIS A 91 -23.43 -9.34 1.34
N TYR A 92 -23.13 -10.02 2.44
CA TYR A 92 -23.97 -11.09 2.95
C TYR A 92 -25.16 -10.66 3.79
N GLY A 93 -25.43 -9.36 3.84
CA GLY A 93 -26.58 -8.87 4.60
C GLY A 93 -26.70 -9.39 6.02
N ALA A 94 -27.91 -9.77 6.40
CA ALA A 94 -28.16 -10.28 7.75
C ALA A 94 -27.37 -11.54 8.09
N LEU A 95 -26.85 -12.24 7.08
CA LEU A 95 -26.08 -13.45 7.33
C LEU A 95 -24.68 -13.14 7.85
N ILE A 96 -24.28 -11.88 7.82
CA ILE A 96 -22.96 -11.49 8.29
C ILE A 96 -22.80 -11.83 9.77
N GLY A 97 -21.68 -12.47 10.11
CA GLY A 97 -21.42 -12.82 11.49
C GLY A 97 -22.04 -14.13 11.94
N LEU A 98 -22.92 -14.70 11.13
CA LEU A 98 -23.55 -15.96 11.51
C LEU A 98 -22.69 -17.14 11.08
N ASN A 99 -22.83 -18.24 11.81
CA ASN A 99 -22.07 -19.46 11.54
C ASN A 99 -22.70 -20.24 10.38
N ARG A 100 -21.89 -20.55 9.37
CA ARG A 100 -22.40 -21.26 8.20
C ARG A 100 -23.01 -22.62 8.52
N GLU A 101 -22.35 -23.40 9.37
CA GLU A 101 -22.89 -24.71 9.72
C GLU A 101 -24.18 -24.57 10.52
N GLN A 102 -24.26 -23.52 11.32
CA GLN A 102 -25.45 -23.28 12.11
C GLN A 102 -26.60 -22.96 11.14
N MET A 103 -26.29 -22.23 10.07
CA MET A 103 -27.32 -21.90 9.09
C MET A 103 -27.80 -23.15 8.38
N ALA A 104 -26.88 -24.08 8.13
CA ALA A 104 -27.23 -25.34 7.48
C ALA A 104 -28.19 -26.12 8.38
N LEU A 105 -27.94 -26.08 9.69
CA LEU A 105 -28.80 -26.78 10.63
C LEU A 105 -30.15 -26.10 10.75
N ASN A 106 -30.16 -24.76 10.74
CA ASN A 106 -31.39 -24.00 10.86
C ASN A 106 -32.22 -23.92 9.58
N HIS A 107 -31.57 -23.88 8.42
CA HIS A 107 -32.29 -23.75 7.16
C HIS A 107 -32.03 -24.87 6.15
N GLY A 108 -31.16 -25.80 6.49
CA GLY A 108 -30.86 -26.89 5.58
C GLY A 108 -29.71 -26.57 4.65
N GLU A 109 -28.97 -27.61 4.26
CA GLU A 109 -27.82 -27.43 3.38
C GLU A 109 -28.18 -26.86 2.02
N GLU A 110 -29.32 -27.27 1.47
CA GLU A 110 -29.75 -26.78 0.17
C GLU A 110 -29.89 -25.27 0.14
N GLN A 111 -30.58 -24.72 1.13
CA GLN A 111 -30.79 -23.29 1.20
C GLN A 111 -29.46 -22.56 1.34
N VAL A 112 -28.58 -23.07 2.20
CA VAL A 112 -27.28 -22.46 2.43
C VAL A 112 -26.45 -22.43 1.15
N ARG A 113 -26.51 -23.51 0.37
CA ARG A 113 -25.77 -23.56 -0.87
C ARG A 113 -26.30 -22.50 -1.83
N LEU A 114 -27.61 -22.28 -1.81
CA LEU A 114 -28.19 -21.25 -2.66
C LEU A 114 -27.67 -19.88 -2.24
N TRP A 115 -27.73 -19.58 -0.94
CA TRP A 115 -27.25 -18.31 -0.43
C TRP A 115 -25.78 -18.09 -0.76
N ARG A 116 -24.96 -19.13 -0.55
CA ARG A 116 -23.53 -19.01 -0.80
C ARG A 116 -23.08 -18.99 -2.26
N ARG A 117 -23.61 -19.90 -3.07
CA ARG A 117 -23.17 -20.03 -4.45
C ARG A 117 -24.10 -19.72 -5.62
N SER A 118 -25.41 -19.61 -5.37
CA SER A 118 -26.33 -19.31 -6.46
C SER A 118 -25.99 -17.95 -7.07
N TYR A 119 -26.55 -17.70 -8.24
CA TYR A 119 -26.32 -16.44 -8.93
C TYR A 119 -27.37 -15.39 -8.56
N ASN A 120 -28.63 -15.81 -8.57
CA ASN A 120 -29.73 -14.89 -8.31
C ASN A 120 -30.28 -14.72 -6.90
N VAL A 121 -30.04 -15.68 -6.02
CA VAL A 121 -30.58 -15.57 -4.67
C VAL A 121 -29.91 -14.46 -3.85
N THR A 122 -30.75 -13.61 -3.26
CA THR A 122 -30.26 -12.48 -2.47
C THR A 122 -30.39 -12.76 -0.98
N PRO A 123 -29.31 -12.52 -0.22
CA PRO A 123 -29.35 -12.75 1.23
C PRO A 123 -30.29 -11.71 1.83
N PRO A 124 -30.89 -12.02 2.99
CA PRO A 124 -31.79 -11.03 3.59
C PRO A 124 -30.93 -9.80 3.87
N PRO A 125 -31.46 -8.59 3.66
CA PRO A 125 -30.69 -7.38 3.91
C PRO A 125 -30.30 -7.19 5.37
N ILE A 126 -29.16 -6.55 5.60
CA ILE A 126 -28.71 -6.30 6.97
C ILE A 126 -29.45 -5.07 7.48
N GLU A 127 -29.98 -5.15 8.70
CA GLU A 127 -30.70 -4.03 9.28
C GLU A 127 -29.88 -3.27 10.31
N GLU A 128 -30.31 -2.05 10.60
CA GLU A 128 -29.62 -1.20 11.56
C GLU A 128 -29.45 -1.86 12.92
N SER A 129 -30.31 -2.83 13.23
CA SER A 129 -30.24 -3.51 14.51
C SER A 129 -29.13 -4.57 14.52
N HIS A 130 -28.72 -5.00 13.33
CA HIS A 130 -27.67 -6.01 13.21
C HIS A 130 -26.41 -5.57 13.94
N PRO A 131 -25.79 -6.50 14.69
CA PRO A 131 -24.57 -6.27 15.47
C PRO A 131 -23.42 -5.61 14.72
N TYR A 132 -23.32 -5.83 13.42
CA TYR A 132 -22.22 -5.24 12.66
C TYR A 132 -22.63 -4.15 11.68
N TYR A 133 -23.84 -3.65 11.79
CA TYR A 133 -24.33 -2.60 10.90
C TYR A 133 -23.52 -1.31 11.03
N GLN A 134 -23.48 -0.75 12.24
CA GLN A 134 -22.76 0.50 12.48
C GLN A 134 -21.31 0.46 12.00
N GLU A 135 -20.58 -0.53 12.48
CA GLU A 135 -19.16 -0.71 12.13
C GLU A 135 -18.91 -0.62 10.63
N ILE A 136 -19.90 -1.00 9.84
CA ILE A 136 -19.79 -0.98 8.38
C ILE A 136 -20.14 0.36 7.76
N TYR A 137 -21.38 0.81 7.93
CA TYR A 137 -21.83 2.05 7.31
C TYR A 137 -21.38 3.38 7.89
N ASN A 138 -20.65 3.36 8.99
CA ASN A 138 -20.15 4.61 9.58
C ASN A 138 -18.70 4.84 9.20
N ASP A 139 -18.13 3.91 8.43
CA ASP A 139 -16.74 4.04 8.02
C ASP A 139 -16.59 5.04 6.88
N ARG A 140 -15.62 5.95 7.03
CA ARG A 140 -15.36 6.98 6.03
C ARG A 140 -15.07 6.47 4.61
N ARG A 141 -14.52 5.25 4.51
CA ARG A 141 -14.20 4.70 3.20
C ARG A 141 -15.46 4.56 2.33
N TYR A 142 -16.62 4.42 2.97
CA TYR A 142 -17.86 4.30 2.22
C TYR A 142 -18.56 5.64 2.06
N LYS A 143 -17.94 6.69 2.58
CA LYS A 143 -18.48 8.03 2.46
C LYS A 143 -17.83 8.68 1.25
N VAL A 144 -16.71 8.12 0.81
CA VAL A 144 -16.00 8.66 -0.34
C VAL A 144 -15.96 7.74 -1.57
N CYS A 145 -16.84 6.74 -1.62
CA CYS A 145 -16.86 5.88 -2.80
C CYS A 145 -17.58 6.64 -3.90
N ASP A 146 -17.65 6.05 -5.09
CA ASP A 146 -18.31 6.68 -6.23
C ASP A 146 -19.84 6.61 -6.18
N VAL A 147 -20.37 6.07 -5.10
CA VAL A 147 -21.81 5.96 -4.91
C VAL A 147 -22.11 6.42 -3.49
N PRO A 148 -23.19 7.21 -3.31
CA PRO A 148 -23.55 7.70 -1.98
C PRO A 148 -23.68 6.58 -0.95
N LEU A 149 -23.32 6.88 0.30
CA LEU A 149 -23.38 5.92 1.39
C LEU A 149 -24.74 5.22 1.49
N ASP A 150 -25.81 5.99 1.35
CA ASP A 150 -27.16 5.45 1.43
C ASP A 150 -27.53 4.59 0.23
N GLN A 151 -26.76 4.66 -0.84
CA GLN A 151 -27.03 3.87 -2.03
C GLN A 151 -26.24 2.56 -2.07
N LEU A 152 -25.32 2.38 -1.12
CA LEU A 152 -24.54 1.15 -1.07
C LEU A 152 -25.48 0.00 -0.71
N PRO A 153 -25.20 -1.21 -1.23
CA PRO A 153 -26.06 -2.37 -0.94
C PRO A 153 -26.10 -2.76 0.53
N ARG A 154 -27.21 -3.37 0.94
CA ARG A 154 -27.40 -3.86 2.30
C ARG A 154 -27.36 -5.39 2.24
N SER A 155 -27.22 -5.90 1.02
CA SER A 155 -27.09 -7.34 0.74
C SER A 155 -26.97 -7.48 -0.78
N GLU A 156 -26.32 -8.55 -1.22
CA GLU A 156 -26.11 -8.76 -2.64
C GLU A 156 -26.16 -10.21 -3.08
N SER A 157 -26.75 -10.44 -4.24
CA SER A 157 -26.79 -11.77 -4.84
C SER A 157 -25.51 -11.72 -5.66
N LEU A 158 -25.03 -12.86 -6.14
CA LEU A 158 -23.83 -12.84 -6.94
C LEU A 158 -24.05 -11.95 -8.16
N LYS A 159 -25.27 -11.97 -8.68
CA LYS A 159 -25.61 -11.14 -9.84
C LYS A 159 -25.40 -9.67 -9.48
N ASP A 160 -25.83 -9.28 -8.28
CA ASP A 160 -25.66 -7.90 -7.81
C ASP A 160 -24.17 -7.54 -7.79
N VAL A 161 -23.34 -8.49 -7.36
CA VAL A 161 -21.90 -8.24 -7.29
C VAL A 161 -21.35 -7.94 -8.67
N LEU A 162 -21.69 -8.78 -9.63
CA LEU A 162 -21.19 -8.59 -10.99
C LEU A 162 -21.63 -7.25 -11.55
N GLU A 163 -22.87 -6.87 -11.27
CA GLU A 163 -23.37 -5.59 -11.76
C GLU A 163 -22.56 -4.39 -11.26
N ARG A 164 -22.01 -4.46 -10.05
CA ARG A 164 -21.21 -3.34 -9.56
C ARG A 164 -19.70 -3.54 -9.76
N LEU A 165 -19.29 -4.77 -10.07
CA LEU A 165 -17.88 -5.08 -10.29
C LEU A 165 -17.52 -4.96 -11.77
N LEU A 166 -18.41 -5.43 -12.64
CA LEU A 166 -18.17 -5.39 -14.06
C LEU A 166 -17.76 -4.01 -14.60
N PRO A 167 -18.44 -2.94 -14.17
CA PRO A 167 -18.10 -1.59 -14.66
C PRO A 167 -16.67 -1.20 -14.28
N TYR A 168 -16.24 -1.63 -13.09
CA TYR A 168 -14.90 -1.32 -12.62
C TYR A 168 -13.89 -2.10 -13.47
N TRP A 169 -14.20 -3.37 -13.74
CA TRP A 169 -13.30 -4.18 -14.57
C TRP A 169 -13.16 -3.58 -15.97
N ASN A 170 -14.28 -3.38 -16.65
CA ASN A 170 -14.27 -2.83 -18.01
C ASN A 170 -13.57 -1.46 -18.13
N GLU A 171 -13.87 -0.57 -17.21
CA GLU A 171 -13.34 0.79 -17.26
C GLU A 171 -11.96 1.06 -16.69
N ARG A 172 -11.54 0.31 -15.68
CA ARG A 172 -10.24 0.58 -15.09
C ARG A 172 -9.22 -0.55 -15.10
N ILE A 173 -9.66 -1.81 -15.19
CA ILE A 173 -8.69 -2.91 -15.22
C ILE A 173 -8.47 -3.42 -16.64
N ALA A 174 -9.55 -3.75 -17.34
CA ALA A 174 -9.46 -4.27 -18.71
C ALA A 174 -8.54 -3.43 -19.61
N PRO A 175 -8.66 -2.10 -19.55
CA PRO A 175 -7.80 -1.27 -20.41
C PRO A 175 -6.31 -1.53 -20.16
N GLU A 176 -5.94 -1.74 -18.91
CA GLU A 176 -4.54 -1.99 -18.57
C GLU A 176 -4.10 -3.33 -19.16
N VAL A 177 -5.01 -4.30 -19.15
CA VAL A 177 -4.72 -5.63 -19.69
C VAL A 177 -4.43 -5.50 -21.19
N LEU A 178 -5.28 -4.73 -21.89
CA LEU A 178 -5.10 -4.53 -23.32
C LEU A 178 -3.84 -3.76 -23.65
N ARG A 179 -3.26 -3.09 -22.65
CA ARG A 179 -2.04 -2.34 -22.86
C ARG A 179 -0.82 -3.20 -22.52
N GLY A 180 -1.07 -4.49 -22.31
CA GLY A 180 0.01 -5.41 -21.99
C GLY A 180 0.54 -5.34 -20.57
N LYS A 181 -0.18 -4.69 -19.66
CA LYS A 181 0.27 -4.56 -18.26
C LYS A 181 0.09 -5.86 -17.47
N THR A 182 1.02 -6.12 -16.56
CA THR A 182 0.95 -7.31 -15.72
C THR A 182 0.18 -6.94 -14.47
N ILE A 183 -1.02 -7.48 -14.35
CA ILE A 183 -1.91 -7.14 -13.26
C ILE A 183 -2.19 -8.20 -12.20
N LEU A 184 -2.27 -7.74 -10.95
CA LEU A 184 -2.59 -8.60 -9.82
C LEU A 184 -3.89 -8.07 -9.20
N ILE A 185 -4.88 -8.94 -9.08
CA ILE A 185 -6.14 -8.56 -8.47
C ILE A 185 -6.27 -9.30 -7.14
N SER A 186 -6.19 -8.57 -6.03
CA SER A 186 -6.31 -9.15 -4.70
C SER A 186 -7.76 -8.93 -4.28
N ALA A 187 -8.60 -9.94 -4.49
CA ALA A 187 -10.01 -9.83 -4.17
C ALA A 187 -10.52 -10.79 -3.12
N HIS A 188 -11.79 -11.18 -3.25
CA HIS A 188 -12.41 -12.06 -2.27
C HIS A 188 -13.07 -13.29 -2.91
N GLY A 189 -13.60 -14.15 -2.05
CA GLY A 189 -14.24 -15.37 -2.51
C GLY A 189 -15.30 -15.19 -3.57
N ASN A 190 -16.31 -14.36 -3.29
CA ASN A 190 -17.37 -14.21 -4.28
C ASN A 190 -17.18 -13.09 -5.30
N SER A 191 -16.38 -12.08 -4.99
CA SER A 191 -16.15 -11.02 -5.98
C SER A 191 -15.28 -11.64 -7.06
N SER A 192 -14.42 -12.57 -6.67
CA SER A 192 -13.56 -13.26 -7.64
C SER A 192 -14.43 -14.18 -8.51
N ARG A 193 -15.34 -14.92 -7.89
CA ARG A 193 -16.21 -15.81 -8.64
C ARG A 193 -17.04 -15.02 -9.66
N ALA A 194 -17.49 -13.83 -9.27
CA ALA A 194 -18.29 -13.00 -10.16
C ALA A 194 -17.48 -12.62 -11.40
N LEU A 195 -16.23 -12.21 -11.20
CA LEU A 195 -15.38 -11.82 -12.32
C LEU A 195 -15.11 -13.03 -13.22
N LEU A 196 -14.82 -14.17 -12.61
CA LEU A 196 -14.57 -15.40 -13.37
C LEU A 196 -15.80 -15.79 -14.18
N LYS A 197 -16.98 -15.69 -13.58
CA LYS A 197 -18.20 -16.05 -14.28
C LYS A 197 -18.30 -15.26 -15.57
N HIS A 198 -17.96 -13.98 -15.50
CA HIS A 198 -18.01 -13.11 -16.66
C HIS A 198 -16.95 -13.45 -17.72
N LEU A 199 -15.69 -13.44 -17.30
CA LEU A 199 -14.58 -13.71 -18.22
C LEU A 199 -14.60 -15.08 -18.88
N GLU A 200 -15.09 -16.10 -18.17
CA GLU A 200 -15.13 -17.45 -18.73
C GLU A 200 -16.50 -17.79 -19.32
N GLY A 201 -17.43 -16.85 -19.23
CA GLY A 201 -18.76 -17.08 -19.74
C GLY A 201 -19.48 -18.25 -19.08
N ILE A 202 -19.25 -18.44 -17.79
CA ILE A 202 -19.89 -19.52 -17.05
C ILE A 202 -21.38 -19.21 -16.91
N SER A 203 -22.22 -20.23 -17.08
CA SER A 203 -23.68 -20.06 -16.99
C SER A 203 -24.21 -19.76 -15.58
N ASP A 204 -25.38 -19.15 -15.53
CA ASP A 204 -26.02 -18.81 -14.25
C ASP A 204 -26.14 -20.08 -13.41
N GLU A 205 -26.37 -21.20 -14.08
CA GLU A 205 -26.51 -22.49 -13.43
C GLU A 205 -25.18 -23.05 -12.94
N ASP A 206 -24.20 -23.14 -13.84
CA ASP A 206 -22.90 -23.71 -13.50
C ASP A 206 -22.05 -22.94 -12.50
N ILE A 207 -22.27 -21.65 -12.36
CA ILE A 207 -21.46 -20.86 -11.43
C ILE A 207 -21.63 -21.32 -9.97
N ILE A 208 -22.76 -21.95 -9.69
CA ILE A 208 -23.04 -22.42 -8.33
C ILE A 208 -22.08 -23.51 -7.88
N ASN A 209 -21.47 -24.21 -8.82
CA ASN A 209 -20.54 -25.28 -8.48
C ASN A 209 -19.08 -24.86 -8.38
N ILE A 210 -18.80 -23.58 -8.63
CA ILE A 210 -17.43 -23.09 -8.57
C ILE A 210 -17.13 -22.52 -7.18
N THR A 211 -16.11 -23.06 -6.53
CA THR A 211 -15.69 -22.61 -5.20
C THR A 211 -14.19 -22.35 -5.27
N LEU A 212 -13.77 -21.17 -4.84
CA LEU A 212 -12.35 -20.82 -4.89
C LEU A 212 -11.64 -20.97 -3.55
N PRO A 213 -10.46 -21.62 -3.56
CA PRO A 213 -9.68 -21.80 -2.32
C PRO A 213 -8.99 -20.50 -1.94
N THR A 214 -8.74 -20.31 -0.66
CA THR A 214 -8.08 -19.09 -0.18
C THR A 214 -6.56 -19.15 -0.31
N GLY A 215 -5.95 -17.97 -0.44
CA GLY A 215 -4.51 -17.88 -0.54
C GLY A 215 -3.86 -18.69 -1.65
N VAL A 216 -4.54 -18.80 -2.79
CA VAL A 216 -4.03 -19.55 -3.93
C VAL A 216 -4.06 -18.72 -5.21
N PRO A 217 -2.90 -18.47 -5.82
CA PRO A 217 -2.88 -17.68 -7.06
C PRO A 217 -3.75 -18.33 -8.13
N ILE A 218 -4.59 -17.53 -8.77
CA ILE A 218 -5.46 -18.05 -9.82
C ILE A 218 -4.93 -17.51 -11.15
N LEU A 219 -4.58 -18.43 -12.04
CA LEU A 219 -4.06 -18.07 -13.34
C LEU A 219 -5.19 -17.99 -14.36
N LEU A 220 -5.24 -16.89 -15.11
CA LEU A 220 -6.26 -16.72 -16.13
C LEU A 220 -5.63 -16.04 -17.33
N GLU A 221 -5.89 -16.60 -18.52
CA GLU A 221 -5.37 -16.06 -19.77
C GLU A 221 -6.55 -15.59 -20.61
N LEU A 222 -6.44 -14.38 -21.15
CA LEU A 222 -7.54 -13.82 -21.96
C LEU A 222 -7.11 -13.55 -23.40
N ASP A 223 -8.06 -13.61 -24.33
CA ASP A 223 -7.76 -13.34 -25.74
C ASP A 223 -7.95 -11.86 -26.05
N GLU A 224 -7.77 -11.50 -27.32
CA GLU A 224 -7.91 -10.11 -27.76
C GLU A 224 -9.27 -9.49 -27.43
N ASN A 225 -10.28 -10.32 -27.23
CA ASN A 225 -11.61 -9.83 -26.88
C ASN A 225 -11.85 -9.91 -25.38
N LEU A 226 -10.77 -10.09 -24.63
CA LEU A 226 -10.85 -10.19 -23.18
C LEU A 226 -11.79 -11.28 -22.69
N ARG A 227 -11.77 -12.41 -23.38
CA ARG A 227 -12.57 -13.57 -23.01
C ARG A 227 -11.54 -14.63 -22.66
N ALA A 228 -11.88 -15.48 -21.69
CA ALA A 228 -10.95 -16.52 -21.25
C ALA A 228 -10.58 -17.46 -22.40
N VAL A 229 -9.28 -17.71 -22.55
CA VAL A 229 -8.81 -18.62 -23.59
C VAL A 229 -9.06 -20.05 -23.09
N GLY A 230 -9.05 -20.20 -21.78
CA GLY A 230 -9.28 -21.50 -21.17
C GLY A 230 -9.72 -21.32 -19.72
N PRO A 231 -10.18 -22.38 -19.04
CA PRO A 231 -10.62 -22.28 -17.65
C PRO A 231 -9.52 -21.71 -16.75
N HIS A 232 -9.91 -21.07 -15.66
CA HIS A 232 -8.93 -20.52 -14.73
C HIS A 232 -8.21 -21.71 -14.09
N GLN A 233 -6.96 -21.51 -13.68
CA GLN A 233 -6.21 -22.59 -13.06
C GLN A 233 -5.67 -22.15 -11.70
N PHE A 234 -5.29 -23.11 -10.87
CA PHE A 234 -4.76 -22.80 -9.55
C PHE A 234 -3.27 -23.14 -9.47
N LEU A 235 -2.49 -22.23 -8.93
CA LEU A 235 -1.06 -22.42 -8.82
C LEU A 235 -0.69 -23.11 -7.51
N GLY A 236 -0.05 -24.28 -7.61
CA GLY A 236 0.34 -24.99 -6.41
C GLY A 236 0.07 -26.48 -6.45
N ASP A 237 0.09 -27.09 -5.28
CA ASP A 237 -0.18 -28.52 -5.10
C ASP A 237 -1.67 -28.74 -5.36
N GLN A 238 -2.01 -29.38 -6.46
CA GLN A 238 -3.40 -29.61 -6.83
C GLN A 238 -4.25 -30.41 -5.84
N GLU A 239 -3.66 -31.43 -5.23
CA GLU A 239 -4.40 -32.24 -4.26
C GLU A 239 -4.76 -31.37 -3.05
N ALA A 240 -3.80 -30.58 -2.58
CA ALA A 240 -4.02 -29.72 -1.43
C ALA A 240 -5.05 -28.63 -1.76
N ILE A 241 -5.01 -28.14 -3.00
CA ILE A 241 -5.94 -27.10 -3.44
C ILE A 241 -7.35 -27.68 -3.54
N GLN A 242 -7.46 -28.91 -4.02
CA GLN A 242 -8.76 -29.55 -4.15
C GLN A 242 -9.32 -29.82 -2.76
N ALA A 243 -8.45 -30.21 -1.83
CA ALA A 243 -8.86 -30.48 -0.45
C ALA A 243 -9.34 -29.18 0.21
N ALA A 244 -8.65 -28.08 -0.08
CA ALA A 244 -9.04 -26.79 0.48
C ALA A 244 -10.38 -26.35 -0.10
N ILE A 245 -10.62 -26.67 -1.36
CA ILE A 245 -11.89 -26.33 -1.99
C ILE A 245 -13.00 -27.09 -1.28
N LYS A 246 -12.74 -28.37 -0.99
CA LYS A 246 -13.74 -29.19 -0.30
C LYS A 246 -14.03 -28.64 1.10
N LYS A 247 -12.99 -28.22 1.80
CA LYS A 247 -13.17 -27.67 3.15
C LYS A 247 -14.11 -26.46 3.09
N VAL A 248 -13.96 -25.64 2.06
CA VAL A 248 -14.82 -24.48 1.92
C VAL A 248 -16.25 -24.93 1.68
N GLU A 249 -16.42 -25.95 0.83
CA GLU A 249 -17.74 -26.48 0.55
C GLU A 249 -18.34 -27.07 1.84
N ASP A 250 -17.53 -27.85 2.55
CA ASP A 250 -17.98 -28.49 3.78
C ASP A 250 -18.39 -27.54 4.91
N GLN A 251 -17.96 -26.29 4.85
CA GLN A 251 -18.32 -25.35 5.88
C GLN A 251 -19.84 -25.17 5.92
N GLY A 252 -20.50 -25.42 4.81
CA GLY A 252 -21.94 -25.26 4.74
C GLY A 252 -22.69 -26.57 4.83
N LYS A 253 -22.03 -27.61 5.32
CA LYS A 253 -22.64 -28.91 5.45
C LYS A 253 -22.77 -29.38 6.89
N VAL A 254 -23.82 -30.15 7.15
CA VAL A 254 -24.08 -30.70 8.47
C VAL A 254 -23.12 -31.88 8.68
N LYS A 255 -22.60 -32.02 9.89
CA LYS A 255 -21.68 -33.12 10.20
C LYS A 255 -22.28 -34.46 9.80
N GLN A 256 -21.41 -35.44 9.52
CA GLN A 256 -21.86 -36.78 9.15
C GLN A 256 -20.87 -37.82 9.65
N SER B 2 -4.97 28.67 9.72
CA SER B 2 -4.41 27.75 8.70
C SER B 2 -5.51 27.22 7.80
N LYS B 3 -5.48 27.63 6.53
CA LYS B 3 -6.51 27.18 5.58
C LYS B 3 -6.27 25.72 5.18
N TYR B 4 -5.01 25.31 5.13
CA TYR B 4 -4.65 23.95 4.76
C TYR B 4 -3.57 23.40 5.68
N LYS B 5 -3.70 22.12 6.01
CA LYS B 5 -2.74 21.47 6.88
C LYS B 5 -2.28 20.17 6.22
N LEU B 6 -1.00 19.85 6.32
CA LEU B 6 -0.47 18.62 5.75
C LEU B 6 0.56 18.03 6.68
N ILE B 7 0.74 16.72 6.59
CA ILE B 7 1.69 16.04 7.44
C ILE B 7 2.82 15.46 6.59
N MET B 8 4.05 15.68 7.04
CA MET B 8 5.20 15.14 6.36
C MET B 8 6.07 14.53 7.45
N LEU B 9 6.87 13.54 7.08
CA LEU B 9 7.74 12.90 8.04
C LEU B 9 8.81 12.10 7.30
N ARG B 10 9.87 11.76 8.03
CA ARG B 10 10.93 10.96 7.45
C ARG B 10 10.83 9.63 8.19
N HIS B 11 11.17 8.54 7.51
CA HIS B 11 11.09 7.22 8.10
C HIS B 11 12.16 6.99 9.15
N GLY B 12 11.90 6.06 10.06
CA GLY B 12 12.85 5.73 11.11
C GLY B 12 14.03 4.93 10.61
N GLU B 13 14.76 4.34 11.55
CA GLU B 13 15.97 3.56 11.25
C GLU B 13 15.82 2.50 10.18
N GLY B 14 16.85 2.43 9.32
CA GLY B 14 16.88 1.45 8.25
C GLY B 14 17.90 0.38 8.60
N ALA B 15 18.08 -0.60 7.71
CA ALA B 15 19.01 -1.71 7.92
C ALA B 15 20.48 -1.33 8.06
N TRP B 16 20.84 -0.13 7.62
CA TRP B 16 22.23 0.33 7.71
C TRP B 16 22.45 1.34 8.83
N ASN B 17 21.40 1.61 9.60
CA ASN B 17 21.50 2.59 10.68
C ASN B 17 22.47 2.20 11.78
N LYS B 18 22.47 0.93 12.17
CA LYS B 18 23.38 0.46 13.21
C LYS B 18 24.81 0.73 12.77
N GLU B 19 25.10 0.48 11.49
CA GLU B 19 26.44 0.71 10.95
C GLU B 19 26.69 2.18 10.65
N ASN B 20 25.63 2.99 10.74
CA ASN B 20 25.75 4.43 10.48
C ASN B 20 26.35 4.70 9.11
N ARG B 21 25.80 4.06 8.08
CA ARG B 21 26.27 4.24 6.72
C ARG B 21 25.24 5.01 5.90
N PHE B 22 25.73 5.87 5.00
CA PHE B 22 24.86 6.66 4.12
C PHE B 22 24.12 5.66 3.23
N CYS B 23 22.79 5.58 3.38
CA CYS B 23 22.01 4.64 2.58
C CYS B 23 21.55 5.25 1.26
N SER B 24 20.92 6.42 1.33
CA SER B 24 20.47 7.11 0.13
C SER B 24 19.61 6.27 -0.81
N TRP B 25 19.99 6.20 -2.09
CA TRP B 25 19.20 5.44 -3.06
C TRP B 25 19.22 3.92 -2.92
N VAL B 26 20.09 3.38 -2.06
CA VAL B 26 20.12 1.93 -1.88
C VAL B 26 18.82 1.57 -1.15
N ASP B 27 18.09 0.59 -1.70
CA ASP B 27 16.79 0.20 -1.16
C ASP B 27 16.74 -0.66 0.10
N GLN B 28 17.44 -0.25 1.15
CA GLN B 28 17.42 -1.01 2.40
C GLN B 28 16.07 -0.89 3.11
N LYS B 29 15.67 -1.95 3.79
CA LYS B 29 14.39 -1.96 4.51
C LYS B 29 14.54 -1.37 5.91
N LEU B 30 13.40 -1.04 6.51
CA LEU B 30 13.40 -0.50 7.86
C LEU B 30 13.84 -1.64 8.80
N ASN B 31 14.47 -1.30 9.91
CA ASN B 31 14.83 -2.34 10.88
C ASN B 31 13.68 -2.35 11.88
N SER B 32 13.79 -3.19 12.90
CA SER B 32 12.74 -3.30 13.92
C SER B 32 12.35 -1.95 14.53
N GLU B 33 13.35 -1.17 14.93
CA GLU B 33 13.09 0.14 15.53
C GLU B 33 12.37 1.05 14.54
N GLY B 34 12.82 1.04 13.28
CA GLY B 34 12.21 1.88 12.26
C GLY B 34 10.74 1.57 12.06
N MET B 35 10.39 0.30 12.21
CA MET B 35 9.01 -0.12 12.08
C MET B 35 8.19 0.42 13.24
N GLU B 36 8.75 0.33 14.44
CA GLU B 36 8.06 0.86 15.61
C GLU B 36 7.88 2.35 15.52
N GLU B 37 8.89 3.05 15.00
CA GLU B 37 8.79 4.50 14.84
C GLU B 37 7.61 4.83 13.95
N ALA B 38 7.39 4.00 12.93
CA ALA B 38 6.28 4.21 12.01
C ALA B 38 4.97 3.99 12.74
N ARG B 39 4.89 2.92 13.51
CA ARG B 39 3.68 2.62 14.26
C ARG B 39 3.35 3.73 15.26
N ASN B 40 4.36 4.23 15.95
CA ASN B 40 4.14 5.29 16.92
C ASN B 40 3.66 6.55 16.23
N CYS B 41 4.13 6.76 15.00
CA CYS B 41 3.69 7.93 14.24
C CYS B 41 2.19 7.79 13.97
N GLY B 42 1.78 6.59 13.55
CA GLY B 42 0.37 6.37 13.26
C GLY B 42 -0.48 6.56 14.51
N LYS B 43 0.01 6.10 15.65
CA LYS B 43 -0.73 6.24 16.89
C LYS B 43 -0.88 7.71 17.27
N GLN B 44 0.19 8.48 17.06
CA GLN B 44 0.17 9.90 17.39
C GLN B 44 -0.82 10.63 16.47
N LEU B 45 -0.84 10.24 15.19
CA LEU B 45 -1.74 10.86 14.22
C LEU B 45 -3.19 10.48 14.50
N LYS B 46 -3.41 9.24 14.94
CA LYS B 46 -4.77 8.78 15.27
C LYS B 46 -5.28 9.53 16.48
N ALA B 47 -4.41 9.78 17.46
CA ALA B 47 -4.81 10.50 18.65
C ALA B 47 -5.24 11.92 18.28
N LEU B 48 -4.70 12.44 17.18
CA LEU B 48 -5.04 13.78 16.72
C LEU B 48 -6.13 13.80 15.63
N ASN B 49 -6.80 12.67 15.46
CA ASN B 49 -7.90 12.55 14.49
C ASN B 49 -7.56 12.77 13.02
N PHE B 50 -6.32 12.57 12.61
CA PHE B 50 -6.00 12.78 11.21
C PHE B 50 -6.67 11.76 10.31
N GLU B 51 -7.33 12.27 9.27
CA GLU B 51 -8.00 11.42 8.30
C GLU B 51 -7.45 11.79 6.93
N PHE B 52 -6.51 10.99 6.44
CA PHE B 52 -5.88 11.27 5.17
C PHE B 52 -6.75 10.88 3.98
N ASP B 53 -6.54 11.61 2.88
CA ASP B 53 -7.28 11.36 1.65
C ASP B 53 -6.31 10.88 0.58
N LEU B 54 -5.02 11.11 0.79
CA LEU B 54 -3.99 10.72 -0.16
C LEU B 54 -2.61 10.71 0.50
N VAL B 55 -1.77 9.77 0.08
CA VAL B 55 -0.43 9.62 0.62
C VAL B 55 0.61 9.59 -0.50
N PHE B 56 1.71 10.33 -0.31
CA PHE B 56 2.78 10.36 -1.30
C PHE B 56 4.03 9.81 -0.64
N THR B 57 4.75 8.95 -1.35
CA THR B 57 5.97 8.35 -0.84
C THR B 57 7.01 8.39 -1.95
N SER B 58 8.23 7.96 -1.63
CA SER B 58 9.29 7.89 -2.62
C SER B 58 9.17 6.47 -3.16
N VAL B 59 10.10 6.02 -3.99
CA VAL B 59 10.02 4.67 -4.51
C VAL B 59 10.93 3.72 -3.73
N LEU B 60 11.52 4.24 -2.65
CA LEU B 60 12.37 3.43 -1.78
C LEU B 60 11.39 2.74 -0.85
N ASN B 61 11.49 1.42 -0.73
CA ASN B 61 10.57 0.65 0.07
C ASN B 61 10.40 1.06 1.54
N ARG B 62 11.47 1.56 2.16
CA ARG B 62 11.35 1.94 3.57
C ARG B 62 10.36 3.08 3.77
N SER B 63 10.23 3.92 2.76
CA SER B 63 9.30 5.05 2.80
C SER B 63 7.88 4.55 2.60
N ILE B 64 7.72 3.56 1.73
CA ILE B 64 6.42 2.99 1.45
C ILE B 64 5.92 2.21 2.65
N HIS B 65 6.79 1.35 3.19
CA HIS B 65 6.44 0.56 4.37
C HIS B 65 6.07 1.44 5.55
N THR B 66 6.72 2.60 5.64
CA THR B 66 6.43 3.53 6.72
C THR B 66 5.00 4.01 6.57
N ALA B 67 4.63 4.35 5.34
CA ALA B 67 3.28 4.82 5.05
C ALA B 67 2.26 3.72 5.34
N TRP B 68 2.57 2.48 4.94
CA TRP B 68 1.65 1.38 5.18
C TRP B 68 1.41 1.14 6.67
N LEU B 69 2.48 1.18 7.46
CA LEU B 69 2.36 0.97 8.90
C LEU B 69 1.54 2.09 9.52
N ILE B 70 1.75 3.32 9.05
CA ILE B 70 1.00 4.45 9.55
C ILE B 70 -0.48 4.25 9.22
N LEU B 71 -0.79 3.94 7.96
CA LEU B 71 -2.16 3.71 7.54
C LEU B 71 -2.84 2.60 8.34
N GLU B 72 -2.09 1.54 8.67
CA GLU B 72 -2.70 0.45 9.44
C GLU B 72 -3.09 0.93 10.83
N GLU B 73 -2.21 1.67 11.50
CA GLU B 73 -2.51 2.18 12.83
C GLU B 73 -3.76 3.07 12.77
N LEU B 74 -3.92 3.77 11.65
CA LEU B 74 -5.07 4.65 11.46
C LEU B 74 -6.29 3.91 10.96
N GLY B 75 -6.13 2.66 10.54
CA GLY B 75 -7.25 1.91 10.02
C GLY B 75 -7.66 2.56 8.71
N GLN B 76 -6.67 3.12 8.01
CA GLN B 76 -6.88 3.80 6.74
C GLN B 76 -6.09 3.19 5.58
N GLU B 77 -5.97 1.86 5.58
CA GLU B 77 -5.23 1.16 4.53
C GLU B 77 -5.83 1.38 3.14
N TRP B 78 -7.08 1.84 3.09
CA TRP B 78 -7.76 2.06 1.82
C TRP B 78 -7.39 3.39 1.16
N VAL B 79 -6.80 4.31 1.92
CA VAL B 79 -6.43 5.61 1.36
C VAL B 79 -5.40 5.45 0.24
N PRO B 80 -5.66 6.09 -0.92
CA PRO B 80 -4.77 6.02 -2.09
C PRO B 80 -3.31 6.42 -1.81
N VAL B 81 -2.39 5.62 -2.30
CA VAL B 81 -0.97 5.87 -2.14
C VAL B 81 -0.36 6.08 -3.53
N GLU B 82 0.54 7.05 -3.63
CA GLU B 82 1.23 7.33 -4.88
C GLU B 82 2.71 7.48 -4.54
N SER B 83 3.57 6.86 -5.35
CA SER B 83 5.01 6.89 -5.11
C SER B 83 5.80 7.48 -6.27
N SER B 84 6.87 8.19 -5.96
CA SER B 84 7.68 8.82 -7.00
C SER B 84 9.15 8.92 -6.61
N TRP B 85 10.04 8.72 -7.58
CA TRP B 85 11.47 8.82 -7.31
C TRP B 85 11.80 10.26 -6.91
N ARG B 86 10.93 11.20 -7.27
CA ARG B 86 11.17 12.59 -6.96
C ARG B 86 11.11 12.93 -5.48
N LEU B 87 10.66 11.98 -4.67
CA LEU B 87 10.60 12.18 -3.22
C LEU B 87 11.73 11.37 -2.58
N ASN B 88 12.49 10.67 -3.41
CA ASN B 88 13.62 9.87 -2.95
C ASN B 88 14.59 10.71 -2.12
N GLU B 89 15.31 10.05 -1.23
CA GLU B 89 16.31 10.73 -0.42
C GLU B 89 17.38 11.30 -1.35
N ARG B 90 18.08 12.34 -0.88
CA ARG B 90 19.14 12.95 -1.67
C ARG B 90 20.12 11.85 -2.09
N HIS B 91 20.57 11.89 -3.35
CA HIS B 91 21.51 10.91 -3.85
C HIS B 91 22.90 11.26 -3.31
N TYR B 92 23.43 10.43 -2.43
CA TYR B 92 24.74 10.68 -1.84
C TYR B 92 25.94 10.31 -2.69
N GLY B 93 25.69 9.93 -3.94
CA GLY B 93 26.77 9.58 -4.84
C GLY B 93 27.77 8.58 -4.31
N ALA B 94 29.06 8.88 -4.49
CA ALA B 94 30.13 8.01 -4.03
C ALA B 94 30.14 7.77 -2.52
N LEU B 95 29.52 8.67 -1.76
CA LEU B 95 29.47 8.53 -0.31
C LEU B 95 28.53 7.42 0.15
N ILE B 96 27.71 6.90 -0.76
CA ILE B 96 26.78 5.84 -0.42
C ILE B 96 27.53 4.61 0.12
N GLY B 97 27.09 4.10 1.26
CA GLY B 97 27.73 2.94 1.84
C GLY B 97 28.82 3.25 2.86
N LEU B 98 29.28 4.49 2.89
CA LEU B 98 30.34 4.88 3.83
C LEU B 98 29.81 5.20 5.21
N ASN B 99 30.64 4.94 6.22
CA ASN B 99 30.29 5.19 7.62
C ASN B 99 30.49 6.67 7.92
N ARG B 100 29.45 7.34 8.43
CA ARG B 100 29.53 8.76 8.74
C ARG B 100 30.61 9.11 9.77
N GLU B 101 30.64 8.37 10.88
CA GLU B 101 31.59 8.63 11.94
C GLU B 101 33.03 8.46 11.49
N GLN B 102 33.28 7.43 10.68
CA GLN B 102 34.62 7.17 10.18
C GLN B 102 35.05 8.35 9.30
N MET B 103 34.12 8.86 8.50
CA MET B 103 34.43 9.99 7.65
C MET B 103 34.76 11.19 8.52
N ALA B 104 33.99 11.37 9.60
CA ALA B 104 34.21 12.50 10.51
C ALA B 104 35.61 12.39 11.13
N LEU B 105 36.00 11.17 11.48
CA LEU B 105 37.30 10.93 12.09
C LEU B 105 38.39 11.33 11.11
N ASN B 106 38.32 10.78 9.90
CA ASN B 106 39.32 11.04 8.88
C ASN B 106 39.33 12.44 8.29
N HIS B 107 38.17 13.03 8.05
CA HIS B 107 38.12 14.36 7.43
C HIS B 107 37.72 15.52 8.33
N GLY B 108 37.20 15.21 9.51
CA GLY B 108 36.79 16.26 10.42
C GLY B 108 35.29 16.40 10.48
N GLU B 109 34.76 16.54 11.70
CA GLU B 109 33.32 16.68 11.90
C GLU B 109 32.72 17.79 11.04
N GLU B 110 33.39 18.93 10.97
CA GLU B 110 32.90 20.06 10.18
C GLU B 110 32.79 19.71 8.70
N GLN B 111 33.72 18.90 8.21
CA GLN B 111 33.70 18.53 6.80
C GLN B 111 32.49 17.65 6.51
N VAL B 112 32.24 16.68 7.37
CA VAL B 112 31.10 15.78 7.20
C VAL B 112 29.80 16.56 7.37
N ARG B 113 29.79 17.49 8.31
CA ARG B 113 28.59 18.28 8.52
C ARG B 113 28.29 19.07 7.24
N LEU B 114 29.33 19.60 6.60
CA LEU B 114 29.14 20.35 5.36
C LEU B 114 28.52 19.44 4.30
N TRP B 115 29.08 18.24 4.12
CA TRP B 115 28.55 17.31 3.13
C TRP B 115 27.10 16.92 3.40
N ARG B 116 26.75 16.75 4.67
CA ARG B 116 25.40 16.35 5.03
C ARG B 116 24.33 17.43 4.92
N ARG B 117 24.65 18.64 5.40
CA ARG B 117 23.65 19.71 5.42
C ARG B 117 23.79 20.87 4.45
N SER B 118 24.90 20.96 3.74
CA SER B 118 25.10 22.05 2.80
C SER B 118 23.98 22.10 1.78
N TYR B 119 23.66 23.29 1.31
CA TYR B 119 22.61 23.44 0.32
C TYR B 119 23.19 23.30 -1.10
N ASN B 120 24.36 23.89 -1.31
CA ASN B 120 24.98 23.86 -2.64
C ASN B 120 26.02 22.78 -2.95
N VAL B 121 26.68 22.23 -1.94
CA VAL B 121 27.70 21.22 -2.24
C VAL B 121 27.14 19.92 -2.76
N THR B 122 27.61 19.54 -3.94
CA THR B 122 27.20 18.30 -4.59
C THR B 122 28.21 17.19 -4.29
N PRO B 123 27.75 16.08 -3.68
CA PRO B 123 28.68 14.98 -3.38
C PRO B 123 29.29 14.43 -4.66
N PRO B 124 30.43 13.73 -4.55
CA PRO B 124 31.05 13.17 -5.77
C PRO B 124 30.05 12.17 -6.34
N PRO B 125 29.92 12.12 -7.68
CA PRO B 125 28.99 11.18 -8.30
C PRO B 125 29.37 9.71 -8.09
N ILE B 126 28.36 8.86 -7.97
CA ILE B 126 28.63 7.45 -7.80
C ILE B 126 29.08 6.92 -9.16
N GLU B 127 30.09 6.07 -9.17
CA GLU B 127 30.61 5.53 -10.42
C GLU B 127 30.32 4.04 -10.58
N GLU B 128 30.33 3.58 -11.83
CA GLU B 128 30.04 2.19 -12.14
C GLU B 128 30.85 1.22 -11.28
N SER B 129 32.00 1.68 -10.79
CA SER B 129 32.87 0.84 -9.97
C SER B 129 32.44 0.79 -8.51
N HIS B 130 31.45 1.61 -8.16
CA HIS B 130 30.95 1.65 -6.80
C HIS B 130 30.18 0.35 -6.51
N PRO B 131 30.33 -0.19 -5.29
CA PRO B 131 29.67 -1.42 -4.85
C PRO B 131 28.15 -1.44 -5.00
N TYR B 132 27.51 -0.28 -4.95
CA TYR B 132 26.06 -0.24 -5.05
C TYR B 132 25.50 0.41 -6.31
N TYR B 133 26.36 0.63 -7.30
CA TYR B 133 25.91 1.24 -8.55
C TYR B 133 24.90 0.36 -9.30
N GLN B 134 25.35 -0.84 -9.68
CA GLN B 134 24.52 -1.78 -10.42
C GLN B 134 23.14 -1.99 -9.78
N GLU B 135 23.14 -2.25 -8.49
CA GLU B 135 21.93 -2.46 -7.71
C GLU B 135 20.91 -1.33 -7.86
N ILE B 136 21.40 -0.11 -8.05
CA ILE B 136 20.51 1.04 -8.18
C ILE B 136 19.96 1.25 -9.59
N TYR B 137 20.87 1.44 -10.55
CA TYR B 137 20.45 1.72 -11.92
C TYR B 137 19.92 0.55 -12.73
N ASN B 138 19.91 -0.64 -12.16
CA ASN B 138 19.39 -1.81 -12.87
C ASN B 138 17.97 -2.15 -12.41
N ASP B 139 17.51 -1.45 -11.37
CA ASP B 139 16.18 -1.69 -10.82
C ASP B 139 15.05 -1.19 -11.73
N ARG B 140 14.07 -2.05 -11.95
CA ARG B 140 12.93 -1.73 -12.81
C ARG B 140 12.17 -0.46 -12.41
N ARG B 141 12.15 -0.12 -11.13
CA ARG B 141 11.43 1.08 -10.70
C ARG B 141 11.97 2.33 -11.38
N TYR B 142 13.24 2.33 -11.75
CA TYR B 142 13.84 3.48 -12.43
C TYR B 142 13.75 3.36 -13.94
N LYS B 143 13.26 2.23 -14.43
CA LYS B 143 13.10 2.02 -15.86
C LYS B 143 11.76 2.61 -16.27
N VAL B 144 10.83 2.70 -15.31
CA VAL B 144 9.51 3.24 -15.57
C VAL B 144 9.32 4.65 -15.00
N CYS B 145 10.42 5.38 -14.83
CA CYS B 145 10.36 6.76 -14.30
C CYS B 145 9.92 7.74 -15.37
N ASP B 146 9.65 8.97 -14.95
CA ASP B 146 9.22 10.03 -15.87
C ASP B 146 10.47 10.65 -16.49
N VAL B 147 11.60 9.99 -16.27
CA VAL B 147 12.89 10.45 -16.80
C VAL B 147 13.72 9.25 -17.22
N PRO B 148 14.41 9.36 -18.36
CA PRO B 148 15.26 8.26 -18.85
C PRO B 148 16.31 7.86 -17.84
N LEU B 149 16.56 6.56 -17.79
CA LEU B 149 17.54 5.97 -16.88
C LEU B 149 18.87 6.73 -16.86
N ASP B 150 19.43 6.98 -18.03
CA ASP B 150 20.70 7.69 -18.14
C ASP B 150 20.60 9.14 -17.67
N GLN B 151 19.36 9.62 -17.49
CA GLN B 151 19.17 11.00 -17.05
C GLN B 151 19.02 11.13 -15.54
N LEU B 152 18.85 10.02 -14.83
CA LEU B 152 18.73 10.08 -13.38
C LEU B 152 20.07 10.54 -12.81
N PRO B 153 20.03 11.35 -11.75
CA PRO B 153 21.27 11.86 -11.16
C PRO B 153 22.18 10.76 -10.61
N ARG B 154 23.46 11.09 -10.44
CA ARG B 154 24.45 10.16 -9.89
C ARG B 154 24.93 10.70 -8.55
N SER B 155 24.43 11.88 -8.19
CA SER B 155 24.72 12.54 -6.92
C SER B 155 23.91 13.84 -6.92
N GLU B 156 23.55 14.31 -5.74
CA GLU B 156 22.73 15.52 -5.63
C GLU B 156 23.06 16.38 -4.42
N SER B 157 23.03 17.69 -4.65
CA SER B 157 23.23 18.65 -3.57
C SER B 157 21.80 18.82 -3.09
N LEU B 158 21.60 19.45 -1.94
CA LEU B 158 20.23 19.64 -1.47
C LEU B 158 19.47 20.49 -2.48
N LYS B 159 20.19 21.38 -3.17
CA LYS B 159 19.58 22.23 -4.18
C LYS B 159 19.12 21.37 -5.36
N ASP B 160 19.93 20.37 -5.72
CA ASP B 160 19.57 19.49 -6.82
C ASP B 160 18.31 18.72 -6.47
N VAL B 161 18.21 18.34 -5.20
CA VAL B 161 17.06 17.58 -4.71
C VAL B 161 15.79 18.42 -4.86
N LEU B 162 15.83 19.67 -4.42
CA LEU B 162 14.68 20.55 -4.52
C LEU B 162 14.26 20.73 -5.97
N GLU B 163 15.26 20.85 -6.85
CA GLU B 163 14.99 21.03 -8.26
C GLU B 163 14.24 19.88 -8.92
N ARG B 164 14.45 18.65 -8.46
CA ARG B 164 13.72 17.54 -9.05
C ARG B 164 12.49 17.16 -8.23
N LEU B 165 12.39 17.73 -7.04
CA LEU B 165 11.24 17.47 -6.16
C LEU B 165 10.15 18.52 -6.37
N LEU B 166 10.55 19.78 -6.55
CA LEU B 166 9.60 20.86 -6.76
C LEU B 166 8.57 20.58 -7.85
N PRO B 167 9.02 20.05 -9.00
CA PRO B 167 8.09 19.74 -10.10
C PRO B 167 6.98 18.80 -9.66
N TYR B 168 7.34 17.78 -8.88
CA TYR B 168 6.37 16.80 -8.39
C TYR B 168 5.38 17.47 -7.44
N TRP B 169 5.89 18.34 -6.56
CA TRP B 169 5.04 19.05 -5.62
C TRP B 169 4.05 19.93 -6.40
N ASN B 170 4.58 20.76 -7.29
CA ASN B 170 3.78 21.66 -8.09
C ASN B 170 2.72 20.97 -8.94
N GLU B 171 3.10 19.85 -9.56
CA GLU B 171 2.18 19.15 -10.44
C GLU B 171 1.24 18.13 -9.82
N ARG B 172 1.70 17.38 -8.83
CA ARG B 172 0.84 16.35 -8.23
C ARG B 172 0.32 16.59 -6.83
N ILE B 173 1.18 17.06 -5.93
CA ILE B 173 0.77 17.27 -4.55
C ILE B 173 0.02 18.58 -4.29
N ALA B 174 0.63 19.70 -4.66
CA ALA B 174 0.02 21.02 -4.45
C ALA B 174 -1.45 21.12 -4.81
N PRO B 175 -1.82 20.67 -6.03
CA PRO B 175 -3.23 20.74 -6.44
C PRO B 175 -4.17 20.02 -5.48
N GLU B 176 -3.75 18.85 -5.00
CA GLU B 176 -4.57 18.09 -4.08
C GLU B 176 -4.78 18.87 -2.78
N VAL B 177 -3.72 19.46 -2.26
CA VAL B 177 -3.82 20.23 -1.04
C VAL B 177 -4.83 21.36 -1.21
N LEU B 178 -4.75 22.06 -2.34
CA LEU B 178 -5.66 23.16 -2.64
C LEU B 178 -7.10 22.70 -2.74
N ARG B 179 -7.29 21.42 -3.04
CA ARG B 179 -8.63 20.85 -3.16
C ARG B 179 -9.21 20.50 -1.79
N GLY B 180 -8.45 20.77 -0.74
CA GLY B 180 -8.92 20.49 0.61
C GLY B 180 -8.59 19.09 1.13
N LYS B 181 -7.85 18.31 0.34
CA LYS B 181 -7.49 16.96 0.75
C LYS B 181 -6.40 16.97 1.81
N THR B 182 -6.53 16.06 2.78
CA THR B 182 -5.56 15.95 3.86
C THR B 182 -4.48 15.00 3.37
N ILE B 183 -3.27 15.52 3.21
CA ILE B 183 -2.17 14.76 2.69
C ILE B 183 -1.07 14.36 3.68
N LEU B 184 -0.50 13.18 3.44
CA LEU B 184 0.58 12.66 4.24
C LEU B 184 1.74 12.43 3.27
N ILE B 185 2.91 12.97 3.60
CA ILE B 185 4.07 12.77 2.76
C ILE B 185 5.09 11.96 3.55
N SER B 186 5.34 10.74 3.10
CA SER B 186 6.30 9.86 3.76
C SER B 186 7.56 9.99 2.91
N ALA B 187 8.51 10.78 3.40
CA ALA B 187 9.74 11.03 2.66
C ALA B 187 11.02 10.67 3.41
N HIS B 188 12.10 11.39 3.10
CA HIS B 188 13.39 11.12 3.70
C HIS B 188 14.05 12.32 4.38
N GLY B 189 15.17 12.05 5.03
CA GLY B 189 15.88 13.10 5.75
C GLY B 189 16.13 14.38 4.98
N ASN B 190 16.64 14.27 3.75
CA ASN B 190 16.94 15.45 2.97
C ASN B 190 15.89 15.89 1.95
N SER B 191 15.07 14.98 1.46
CA SER B 191 14.03 15.38 0.52
C SER B 191 12.98 16.15 1.33
N SER B 192 12.86 15.80 2.60
CA SER B 192 11.92 16.50 3.48
C SER B 192 12.47 17.89 3.75
N ARG B 193 13.77 17.99 4.00
CA ARG B 193 14.40 19.28 4.25
C ARG B 193 14.18 20.18 3.03
N ALA B 194 14.28 19.57 1.86
CA ALA B 194 14.09 20.29 0.60
C ALA B 194 12.70 20.90 0.48
N LEU B 195 11.67 20.10 0.76
CA LEU B 195 10.30 20.57 0.67
C LEU B 195 10.02 21.64 1.72
N LEU B 196 10.60 21.50 2.91
CA LEU B 196 10.40 22.49 3.97
C LEU B 196 11.01 23.83 3.58
N LYS B 197 12.21 23.78 3.01
CA LYS B 197 12.88 24.99 2.59
C LYS B 197 11.95 25.77 1.67
N HIS B 198 11.37 25.05 0.71
CA HIS B 198 10.46 25.65 -0.24
C HIS B 198 9.20 26.22 0.40
N LEU B 199 8.45 25.37 1.10
CA LEU B 199 7.21 25.78 1.74
C LEU B 199 7.32 26.86 2.81
N GLU B 200 8.42 26.89 3.53
CA GLU B 200 8.61 27.88 4.59
C GLU B 200 9.49 29.05 4.16
N GLY B 201 9.93 29.02 2.91
CA GLY B 201 10.79 30.08 2.40
C GLY B 201 12.06 30.22 3.20
N ILE B 202 12.65 29.09 3.59
CA ILE B 202 13.88 29.10 4.36
C ILE B 202 15.05 29.48 3.45
N SER B 203 15.94 30.32 3.95
CA SER B 203 17.08 30.78 3.16
C SER B 203 18.15 29.71 2.94
N ASP B 204 18.95 29.91 1.90
CA ASP B 204 20.02 28.99 1.55
C ASP B 204 20.97 28.75 2.72
N GLU B 205 21.12 29.76 3.57
CA GLU B 205 22.00 29.65 4.73
C GLU B 205 21.32 28.96 5.90
N ASP B 206 20.11 29.40 6.23
CA ASP B 206 19.38 28.82 7.35
C ASP B 206 19.04 27.35 7.18
N ILE B 207 18.79 26.91 5.94
CA ILE B 207 18.44 25.52 5.70
C ILE B 207 19.49 24.53 6.18
N ILE B 208 20.73 25.01 6.32
CA ILE B 208 21.84 24.18 6.77
C ILE B 208 21.69 23.74 8.23
N ASN B 209 21.02 24.57 9.02
CA ASN B 209 20.83 24.27 10.44
C ASN B 209 19.57 23.46 10.74
N ILE B 210 18.88 23.02 9.69
CA ILE B 210 17.66 22.24 9.89
C ILE B 210 17.96 20.74 9.78
N THR B 211 17.81 20.03 10.89
CA THR B 211 17.99 18.58 10.90
C THR B 211 16.67 18.01 11.42
N LEU B 212 16.09 17.10 10.64
CA LEU B 212 14.80 16.52 11.01
C LEU B 212 14.89 15.20 11.76
N PRO B 213 14.09 15.06 12.83
CA PRO B 213 14.10 13.84 13.62
C PRO B 213 13.32 12.79 12.83
N THR B 214 13.60 11.52 13.09
CA THR B 214 12.89 10.45 12.38
C THR B 214 11.62 10.05 13.11
N GLY B 215 10.70 9.43 12.39
CA GLY B 215 9.44 8.98 12.98
C GLY B 215 8.66 10.01 13.75
N VAL B 216 8.74 11.27 13.32
CA VAL B 216 8.00 12.34 13.99
C VAL B 216 7.14 13.09 12.98
N PRO B 217 5.82 13.09 13.16
CA PRO B 217 4.96 13.80 12.21
C PRO B 217 5.24 15.29 12.22
N ILE B 218 5.43 15.86 11.04
CA ILE B 218 5.71 17.28 10.91
C ILE B 218 4.49 17.96 10.32
N LEU B 219 3.84 18.80 11.14
CA LEU B 219 2.64 19.51 10.72
C LEU B 219 3.00 20.83 10.08
N LEU B 220 2.48 21.06 8.88
CA LEU B 220 2.75 22.29 8.15
C LEU B 220 1.40 22.93 7.82
N GLU B 221 1.21 24.18 8.25
CA GLU B 221 -0.03 24.88 7.99
C GLU B 221 0.17 25.91 6.88
N LEU B 222 -0.58 25.74 5.79
CA LEU B 222 -0.44 26.62 4.64
C LEU B 222 -1.61 27.56 4.42
N ASP B 223 -1.34 28.64 3.67
CA ASP B 223 -2.38 29.61 3.36
C ASP B 223 -2.89 29.32 1.95
N GLU B 224 -3.71 30.21 1.41
CA GLU B 224 -4.28 30.02 0.08
C GLU B 224 -3.22 29.94 -1.00
N ASN B 225 -2.02 30.43 -0.72
CA ASN B 225 -0.95 30.40 -1.70
C ASN B 225 0.02 29.25 -1.45
N LEU B 226 -0.38 28.35 -0.54
CA LEU B 226 0.43 27.18 -0.19
C LEU B 226 1.75 27.57 0.45
N ARG B 227 1.74 28.66 1.20
CA ARG B 227 2.94 29.13 1.87
C ARG B 227 2.74 28.99 3.37
N ALA B 228 3.73 28.41 4.05
CA ALA B 228 3.67 28.21 5.48
C ALA B 228 3.25 29.49 6.19
N VAL B 229 2.27 29.37 7.08
CA VAL B 229 1.78 30.51 7.82
C VAL B 229 2.71 30.74 9.01
N GLY B 230 3.29 29.64 9.48
CA GLY B 230 4.21 29.71 10.61
C GLY B 230 5.24 28.61 10.48
N PRO B 231 6.19 28.51 11.40
CA PRO B 231 7.22 27.46 11.33
C PRO B 231 6.61 26.07 11.43
N HIS B 232 7.28 25.07 10.87
CA HIS B 232 6.76 23.72 10.95
C HIS B 232 6.63 23.30 12.40
N GLN B 233 5.67 22.41 12.68
CA GLN B 233 5.45 21.96 14.05
C GLN B 233 5.65 20.46 14.20
N PHE B 234 6.58 20.07 15.07
CA PHE B 234 6.83 18.65 15.32
C PHE B 234 5.76 18.21 16.32
N LEU B 235 4.99 17.19 15.95
CA LEU B 235 3.94 16.70 16.82
C LEU B 235 4.43 15.64 17.79
N GLY B 236 4.48 16.02 19.07
CA GLY B 236 4.93 15.11 20.11
C GLY B 236 5.60 15.91 21.22
N ASP B 237 6.30 15.23 22.12
CA ASP B 237 6.98 15.91 23.20
C ASP B 237 8.26 16.55 22.66
N GLN B 238 8.33 17.87 22.74
CA GLN B 238 9.49 18.62 22.24
C GLN B 238 10.84 18.15 22.78
N GLU B 239 10.89 17.76 24.05
CA GLU B 239 12.15 17.30 24.65
C GLU B 239 12.60 16.01 23.98
N ALA B 240 11.68 15.07 23.82
CA ALA B 240 11.99 13.81 23.16
C ALA B 240 12.34 14.07 21.69
N ILE B 241 11.62 15.00 21.08
CA ILE B 241 11.85 15.33 19.68
C ILE B 241 13.21 16.00 19.53
N GLN B 242 13.57 16.83 20.50
CA GLN B 242 14.85 17.51 20.45
C GLN B 242 15.97 16.49 20.53
N ALA B 243 15.77 15.46 21.36
CA ALA B 243 16.77 14.40 21.50
C ALA B 243 16.89 13.60 20.22
N ALA B 244 15.75 13.40 19.55
CA ALA B 244 15.74 12.65 18.30
C ALA B 244 16.55 13.40 17.24
N ILE B 245 16.54 14.72 17.34
CA ILE B 245 17.29 15.55 16.40
C ILE B 245 18.78 15.42 16.68
N LYS B 246 19.15 15.50 17.95
CA LYS B 246 20.55 15.39 18.35
C LYS B 246 21.10 14.02 17.94
N LYS B 247 20.25 13.00 17.98
CA LYS B 247 20.67 11.67 17.59
C LYS B 247 21.14 11.71 16.14
N VAL B 248 20.38 12.40 15.30
CA VAL B 248 20.73 12.52 13.89
C VAL B 248 22.03 13.31 13.72
N GLU B 249 22.15 14.42 14.45
CA GLU B 249 23.34 15.23 14.36
C GLU B 249 24.56 14.44 14.85
N ASP B 250 24.37 13.69 15.93
CA ASP B 250 25.45 12.90 16.50
C ASP B 250 25.95 11.80 15.58
N GLN B 251 25.19 11.47 14.55
CA GLN B 251 25.62 10.43 13.63
C GLN B 251 26.91 10.88 12.94
N GLY B 252 27.13 12.19 12.90
CA GLY B 252 28.33 12.71 12.25
C GLY B 252 29.39 13.14 13.23
N LYS B 253 29.28 12.71 14.48
CA LYS B 253 30.26 13.09 15.49
C LYS B 253 31.13 11.93 15.94
N VAL B 254 32.39 12.23 16.21
CA VAL B 254 33.35 11.24 16.65
C VAL B 254 32.99 10.70 18.03
N LYS B 255 33.01 9.38 18.17
CA LYS B 255 32.69 8.68 19.41
C LYS B 255 31.18 8.55 19.61
#